data_7CIK
#
_entry.id   7CIK
#
_cell.length_a   121.750
_cell.length_b   121.750
_cell.length_c   71.721
_cell.angle_alpha   90.000
_cell.angle_beta   90.000
_cell.angle_gamma   120.000
#
_symmetry.space_group_name_H-M   'H 3'
#
loop_
_entity.id
_entity.type
_entity.pdbx_description
1 polymer 'Flagellar M-ring protein'
2 non-polymer (4R)-2-METHYLPENTANE-2,4-DIOL
3 water water
#
_entity_poly.entity_id   1
_entity_poly.type   'polypeptide(L)'
_entity_poly.pdbx_seq_one_letter_code
;MNHKVHHHHHHIEGRHMPDDLNAVVTELDKEGVKYKISPDGRTIYVPENVARELRLKLAAKGVPRKGIVGYELFDKSGIV
LSRFQQLVNFKRAIEGELAKTIMSLDCVEFARVHIVLPEKSLFIREEEEAKASVFLKLKPGCELTPEQVKAIRNLVSGSV
ENLKPSQVVVVDD
;
_entity_poly.pdbx_strand_id   A,B
#
# COMPACT_ATOMS: atom_id res chain seq x y z
N PRO A 18 24.12 -14.90 -12.11
CA PRO A 18 23.59 -14.73 -13.47
C PRO A 18 22.42 -15.65 -13.75
N ASP A 19 21.34 -15.53 -12.97
CA ASP A 19 20.19 -16.40 -13.10
C ASP A 19 18.96 -15.68 -13.62
N ASP A 20 18.48 -16.11 -14.79
CA ASP A 20 17.21 -15.65 -15.36
C ASP A 20 17.19 -14.17 -15.75
N LEU A 21 18.27 -13.44 -15.43
CA LEU A 21 18.32 -12.02 -15.74
C LEU A 21 18.57 -11.79 -17.23
N ASN A 22 19.18 -12.78 -17.88
CA ASN A 22 19.56 -12.68 -19.28
C ASN A 22 18.37 -12.45 -20.21
N ALA A 23 17.22 -12.99 -19.85
CA ALA A 23 16.03 -12.93 -20.69
C ALA A 23 15.53 -11.50 -20.88
N VAL A 24 15.62 -10.70 -19.81
CA VAL A 24 15.09 -9.35 -19.85
C VAL A 24 16.15 -8.30 -20.23
N VAL A 25 17.37 -8.46 -19.73
CA VAL A 25 18.40 -7.45 -19.94
C VAL A 25 18.89 -7.40 -21.39
N THR A 26 18.78 -8.52 -22.09
CA THR A 26 19.20 -8.58 -23.49
C THR A 26 18.14 -7.99 -24.42
N GLU A 27 16.89 -8.03 -23.97
CA GLU A 27 15.79 -7.46 -24.73
C GLU A 27 15.55 -6.01 -24.31
N LEU A 28 16.24 -5.58 -23.26
CA LEU A 28 16.17 -4.20 -22.81
C LEU A 28 17.44 -3.44 -23.16
N ASP A 29 18.46 -4.18 -23.59
CA ASP A 29 19.71 -3.58 -24.02
C ASP A 29 19.56 -2.95 -25.41
N LYS A 30 18.55 -3.41 -26.14
CA LYS A 30 18.28 -2.91 -27.49
C LYS A 30 17.80 -1.46 -27.47
N GLU A 31 16.83 -1.18 -26.59
CA GLU A 31 16.27 0.17 -26.50
C GLU A 31 17.30 1.19 -26.06
N GLY A 32 18.04 0.88 -25.00
CA GLY A 32 19.09 1.75 -24.52
C GLY A 32 18.63 2.68 -23.41
N VAL A 33 17.98 2.11 -22.40
CA VAL A 33 17.56 2.88 -21.23
C VAL A 33 18.39 2.51 -20.02
N LYS A 34 18.56 3.46 -19.10
CA LYS A 34 19.41 3.25 -17.93
C LYS A 34 18.85 2.19 -16.98
N TYR A 35 19.49 1.04 -16.95
CA TYR A 35 19.13 -0.03 -16.03
C TYR A 35 20.38 -0.66 -15.44
N LYS A 36 20.26 -1.28 -14.28
CA LYS A 36 21.39 -1.93 -13.64
C LYS A 36 20.96 -3.01 -12.67
N ILE A 37 21.80 -4.04 -12.52
CA ILE A 37 21.51 -5.15 -11.64
C ILE A 37 22.07 -4.89 -10.24
N SER A 38 21.35 -5.35 -9.23
CA SER A 38 21.79 -5.24 -7.84
C SER A 38 23.12 -5.95 -7.63
N PRO A 39 23.86 -5.57 -6.58
CA PRO A 39 25.13 -6.25 -6.27
C PRO A 39 24.95 -7.74 -5.98
N ASP A 40 23.73 -8.14 -5.65
CA ASP A 40 23.42 -9.55 -5.43
C ASP A 40 23.30 -10.28 -6.76
N GLY A 41 22.31 -9.89 -7.55
CA GLY A 41 22.11 -10.46 -8.87
C GLY A 41 20.71 -10.99 -9.10
N ARG A 42 19.78 -10.63 -8.23
CA ARG A 42 18.40 -11.09 -8.35
C ARG A 42 17.40 -9.94 -8.34
N THR A 43 17.91 -8.71 -8.21
CA THR A 43 17.06 -7.52 -8.21
C THR A 43 17.50 -6.55 -9.31
N ILE A 44 16.56 -6.19 -10.18
CA ILE A 44 16.87 -5.30 -11.29
C ILE A 44 16.19 -3.94 -11.11
N TYR A 45 16.77 -2.91 -11.73
CA TYR A 45 16.22 -1.56 -11.64
C TYR A 45 15.93 -1.00 -13.03
N VAL A 46 14.64 -0.86 -13.35
CA VAL A 46 14.21 -0.35 -14.65
C VAL A 46 13.25 0.82 -14.46
N PRO A 47 13.08 1.65 -15.51
CA PRO A 47 12.07 2.72 -15.44
C PRO A 47 10.68 2.15 -15.17
N GLU A 48 9.78 2.97 -14.62
CA GLU A 48 8.45 2.52 -14.25
C GLU A 48 7.63 2.07 -15.45
N ASN A 49 7.80 2.75 -16.58
CA ASN A 49 7.09 2.39 -17.79
C ASN A 49 7.51 1.02 -18.29
N VAL A 50 8.73 0.61 -17.91
CA VAL A 50 9.24 -0.71 -18.26
C VAL A 50 8.81 -1.75 -17.23
N ALA A 51 8.87 -1.37 -15.95
CA ALA A 51 8.52 -2.26 -14.85
C ALA A 51 7.03 -2.65 -14.91
N ARG A 52 6.20 -1.74 -15.41
CA ARG A 52 4.77 -1.98 -15.53
C ARG A 52 4.50 -3.09 -16.55
N GLU A 53 5.43 -3.28 -17.47
CA GLU A 53 5.31 -4.32 -18.48
C GLU A 53 5.96 -5.62 -18.03
N LEU A 54 6.72 -5.57 -16.95
CA LEU A 54 7.50 -6.72 -16.51
C LEU A 54 6.97 -7.40 -15.26
N ARG A 55 6.23 -6.67 -14.44
CA ARG A 55 5.75 -7.20 -13.15
C ARG A 55 4.78 -8.37 -13.32
N LEU A 56 3.77 -8.19 -14.16
CA LEU A 56 2.75 -9.24 -14.36
C LEU A 56 3.31 -10.44 -15.10
N LYS A 57 4.21 -10.20 -16.05
CA LYS A 57 4.78 -11.26 -16.86
C LYS A 57 5.77 -12.11 -16.07
N LEU A 58 6.52 -11.46 -15.18
CA LEU A 58 7.52 -12.16 -14.39
C LEU A 58 6.88 -12.90 -13.22
N ALA A 59 5.81 -12.34 -12.68
CA ALA A 59 5.10 -12.97 -11.57
C ALA A 59 4.57 -14.34 -11.95
N ALA A 60 4.23 -14.51 -13.22
CA ALA A 60 3.81 -15.81 -13.74
C ALA A 60 5.06 -16.66 -13.98
N LYS A 61 6.16 -16.00 -14.32
CA LYS A 61 7.43 -16.69 -14.53
C LYS A 61 8.41 -17.04 -13.40
N GLY A 62 8.95 -16.01 -12.74
CA GLY A 62 9.87 -16.19 -11.62
C GLY A 62 9.18 -15.56 -10.42
N VAL A 63 9.15 -16.27 -9.31
CA VAL A 63 8.32 -15.85 -8.18
C VAL A 63 9.00 -15.21 -6.93
N PRO A 64 10.35 -15.16 -6.86
CA PRO A 64 11.07 -15.03 -5.57
C PRO A 64 10.65 -14.07 -4.46
N ARG A 65 10.63 -12.77 -4.76
CA ARG A 65 10.06 -11.78 -3.86
C ARG A 65 9.53 -10.71 -4.80
N LYS A 66 9.34 -11.12 -6.06
CA LYS A 66 8.93 -10.23 -7.14
C LYS A 66 9.84 -9.01 -7.20
N GLY A 67 11.14 -9.26 -7.04
CA GLY A 67 12.12 -8.20 -6.92
C GLY A 67 12.38 -7.41 -8.19
N ILE A 68 11.38 -6.69 -8.66
CA ILE A 68 11.55 -5.78 -9.79
C ILE A 68 11.24 -4.36 -9.32
N VAL A 69 12.27 -3.51 -9.33
CA VAL A 69 12.13 -2.16 -8.80
C VAL A 69 12.05 -1.12 -9.92
N GLY A 70 10.94 -0.37 -9.94
CA GLY A 70 10.75 0.68 -10.91
C GLY A 70 11.12 2.05 -10.34
N TYR A 71 11.86 2.84 -11.12
CA TYR A 71 12.29 4.14 -10.66
C TYR A 71 11.72 5.29 -11.48
N GLU A 72 11.76 6.49 -10.92
CA GLU A 72 11.35 7.70 -11.61
C GLU A 72 12.58 8.42 -12.15
N LEU A 73 13.68 8.32 -11.40
CA LEU A 73 14.95 8.94 -11.77
C LEU A 73 16.11 8.04 -11.37
N PHE A 74 17.11 7.93 -12.24
CA PHE A 74 18.24 7.05 -11.98
C PHE A 74 19.52 7.82 -11.65
N ASP A 75 20.30 7.28 -10.72
CA ASP A 75 21.58 7.85 -10.34
C ASP A 75 22.54 6.72 -9.99
N LYS A 76 23.84 7.00 -10.01
CA LYS A 76 24.84 5.97 -9.76
C LYS A 76 24.84 5.51 -8.31
N SER A 77 24.31 6.36 -7.42
CA SER A 77 24.30 6.05 -5.99
C SER A 77 22.97 5.41 -5.57
N GLY A 78 21.93 5.67 -6.34
CA GLY A 78 20.61 5.14 -6.04
C GLY A 78 19.55 5.63 -7.01
N ILE A 79 18.29 5.46 -6.65
CA ILE A 79 17.19 5.84 -7.51
C ILE A 79 16.11 6.62 -6.77
N VAL A 80 15.33 7.40 -7.51
CA VAL A 80 14.09 7.96 -6.98
C VAL A 80 12.96 7.03 -7.34
N LEU A 81 12.37 6.39 -6.34
CA LEU A 81 11.32 5.40 -6.55
C LEU A 81 10.10 6.00 -7.24
N SER A 82 9.54 5.25 -8.19
CA SER A 82 8.28 5.63 -8.79
C SER A 82 7.18 5.55 -7.73
N ARG A 83 6.08 6.26 -7.95
CA ARG A 83 4.98 6.26 -7.00
C ARG A 83 4.42 4.86 -6.80
N PHE A 84 4.35 4.11 -7.89
CA PHE A 84 3.87 2.73 -7.86
C PHE A 84 4.76 1.85 -6.99
N GLN A 85 6.07 1.99 -7.16
CA GLN A 85 7.02 1.19 -6.41
C GLN A 85 6.95 1.53 -4.91
N GLN A 86 6.68 2.79 -4.60
CA GLN A 86 6.49 3.22 -3.22
C GLN A 86 5.34 2.48 -2.56
N LEU A 87 4.21 2.42 -3.25
CA LEU A 87 3.01 1.77 -2.74
C LEU A 87 3.22 0.27 -2.60
N VAL A 88 3.92 -0.32 -3.56
CA VAL A 88 4.27 -1.74 -3.50
C VAL A 88 5.13 -2.02 -2.28
N ASN A 89 6.16 -1.19 -2.10
CA ASN A 89 7.07 -1.33 -0.96
C ASN A 89 6.38 -1.15 0.38
N PHE A 90 5.40 -0.26 0.42
CA PHE A 90 4.64 -0.02 1.66
C PHE A 90 3.81 -1.23 2.03
N LYS A 91 3.18 -1.84 1.02
CA LYS A 91 2.37 -3.03 1.24
C LYS A 91 3.20 -4.17 1.81
N ARG A 92 4.35 -4.41 1.20
CA ARG A 92 5.26 -5.46 1.66
C ARG A 92 5.84 -5.15 3.03
N ALA A 93 5.95 -3.86 3.34
CA ALA A 93 6.42 -3.43 4.65
C ALA A 93 5.39 -3.74 5.71
N ILE A 94 4.12 -3.51 5.39
CA ILE A 94 3.01 -3.87 6.28
C ILE A 94 3.00 -5.37 6.52
N GLU A 95 3.19 -6.13 5.45
CA GLU A 95 3.19 -7.59 5.52
C GLU A 95 4.40 -8.12 6.27
N GLY A 96 5.54 -7.45 6.12
CA GLY A 96 6.75 -7.85 6.81
C GLY A 96 6.65 -7.67 8.31
N GLU A 97 6.00 -6.58 8.72
CA GLU A 97 5.79 -6.30 10.13
C GLU A 97 4.86 -7.32 10.78
N LEU A 98 3.80 -7.69 10.08
CA LEU A 98 2.86 -8.69 10.56
C LEU A 98 3.56 -10.03 10.73
N ALA A 99 4.34 -10.41 9.73
CA ALA A 99 5.10 -11.66 9.75
C ALA A 99 6.10 -11.67 10.91
N LYS A 100 6.64 -10.50 11.22
CA LYS A 100 7.60 -10.37 12.31
C LYS A 100 6.93 -10.65 13.66
N THR A 101 5.69 -10.19 13.81
CA THR A 101 4.93 -10.43 15.02
C THR A 101 4.57 -11.92 15.15
N ILE A 102 4.24 -12.53 14.03
CA ILE A 102 3.88 -13.94 13.99
C ILE A 102 5.10 -14.82 14.32
N MET A 103 6.28 -14.35 13.95
CA MET A 103 7.51 -15.09 14.21
C MET A 103 7.95 -15.00 15.67
N SER A 104 7.27 -14.17 16.45
CA SER A 104 7.54 -14.06 17.88
C SER A 104 7.04 -15.31 18.61
N LEU A 105 6.18 -16.06 17.92
CA LEU A 105 5.71 -17.34 18.44
C LEU A 105 6.86 -18.34 18.50
N ASP A 106 6.94 -19.08 19.59
CA ASP A 106 8.04 -20.02 19.82
C ASP A 106 8.09 -21.11 18.74
N CYS A 107 6.93 -21.61 18.35
CA CYS A 107 6.85 -22.69 17.37
C CYS A 107 7.19 -22.21 15.97
N VAL A 108 6.96 -20.93 15.70
CA VAL A 108 7.18 -20.36 14.38
C VAL A 108 8.62 -19.89 14.21
N GLU A 109 9.30 -20.42 13.21
CA GLU A 109 10.66 -20.00 12.89
C GLU A 109 10.64 -18.92 11.82
N PHE A 110 9.94 -19.20 10.72
CA PHE A 110 9.78 -18.22 9.65
C PHE A 110 8.31 -18.04 9.31
N ALA A 111 7.95 -16.82 8.90
CA ALA A 111 6.57 -16.51 8.54
C ALA A 111 6.53 -15.51 7.40
N ARG A 112 5.60 -15.71 6.48
CA ARG A 112 5.39 -14.78 5.38
C ARG A 112 3.91 -14.46 5.23
N VAL A 113 3.60 -13.18 5.07
CA VAL A 113 2.22 -12.74 4.94
C VAL A 113 1.95 -12.10 3.58
N HIS A 114 0.91 -12.58 2.91
CA HIS A 114 0.50 -12.00 1.64
C HIS A 114 -0.98 -11.63 1.65
N ILE A 115 -1.27 -10.33 1.57
CA ILE A 115 -2.64 -9.84 1.54
C ILE A 115 -3.12 -9.69 0.10
N VAL A 116 -4.21 -10.37 -0.23
CA VAL A 116 -4.76 -10.32 -1.58
C VAL A 116 -5.78 -9.19 -1.71
N LEU A 117 -5.49 -8.24 -2.59
CA LEU A 117 -6.35 -7.08 -2.79
C LEU A 117 -7.41 -7.35 -3.84
N PRO A 118 -8.63 -6.81 -3.64
CA PRO A 118 -9.71 -6.91 -4.63
C PRO A 118 -9.33 -6.26 -5.96
N GLU A 119 -9.58 -6.95 -7.06
CA GLU A 119 -9.22 -6.44 -8.38
C GLU A 119 -10.39 -5.74 -9.04
N LYS A 120 -11.57 -5.92 -8.49
CA LYS A 120 -12.79 -5.34 -9.06
C LYS A 120 -13.63 -4.62 -8.01
N SER A 121 -14.54 -3.78 -8.48
CA SER A 121 -15.43 -3.04 -7.58
C SER A 121 -16.83 -2.99 -8.16
N LEU A 122 -17.75 -3.75 -7.57
CA LEU A 122 -19.13 -3.80 -8.04
C LEU A 122 -19.97 -2.71 -7.39
N PHE A 123 -20.77 -2.02 -8.20
CA PHE A 123 -21.61 -0.93 -7.72
C PHE A 123 -22.73 -1.42 -6.81
N ILE A 124 -23.00 -2.72 -6.89
CA ILE A 124 -24.05 -3.33 -6.07
C ILE A 124 -23.57 -3.51 -4.62
N ARG A 125 -22.26 -3.52 -4.44
CA ARG A 125 -21.69 -3.72 -3.11
C ARG A 125 -21.07 -2.43 -2.55
N GLU A 126 -21.14 -2.28 -1.24
CA GLU A 126 -20.57 -1.12 -0.56
C GLU A 126 -19.07 -1.33 -0.31
N GLU A 127 -18.67 -2.59 -0.19
CA GLU A 127 -17.30 -2.94 0.14
C GLU A 127 -16.87 -4.24 -0.54
N GLU A 128 -15.64 -4.26 -1.05
CA GLU A 128 -15.07 -5.46 -1.63
C GLU A 128 -14.22 -6.20 -0.60
N GLU A 129 -14.42 -7.51 -0.48
CA GLU A 129 -13.69 -8.32 0.49
C GLU A 129 -12.30 -8.67 0.00
N ALA A 130 -11.33 -8.65 0.91
CA ALA A 130 -9.97 -9.05 0.60
C ALA A 130 -9.67 -10.42 1.19
N LYS A 131 -8.57 -11.02 0.73
CA LYS A 131 -8.12 -12.30 1.26
C LYS A 131 -6.71 -12.15 1.81
N ALA A 132 -6.23 -13.18 2.51
CA ALA A 132 -4.88 -13.17 3.06
C ALA A 132 -4.38 -14.59 3.28
N SER A 133 -3.11 -14.80 2.95
CA SER A 133 -2.47 -16.10 3.16
C SER A 133 -1.25 -15.96 4.07
N VAL A 134 -1.13 -16.86 5.04
CA VAL A 134 0.01 -16.85 5.95
C VAL A 134 0.78 -18.17 5.82
N PHE A 135 2.06 -18.07 5.47
CA PHE A 135 2.90 -19.25 5.28
C PHE A 135 3.88 -19.39 6.44
N LEU A 136 3.85 -20.55 7.09
CA LEU A 136 4.64 -20.76 8.29
C LEU A 136 5.64 -21.91 8.17
N LYS A 137 6.89 -21.64 8.54
CA LYS A 137 7.88 -22.70 8.71
C LYS A 137 8.05 -22.95 10.21
N LEU A 138 7.42 -24.01 10.69
CA LEU A 138 7.37 -24.28 12.12
C LEU A 138 8.60 -25.02 12.63
N LYS A 139 8.82 -24.94 13.94
CA LYS A 139 9.89 -25.69 14.59
C LYS A 139 9.56 -27.19 14.54
N PRO A 140 10.53 -28.01 14.11
CA PRO A 140 10.39 -29.45 13.89
C PRO A 140 9.53 -30.20 14.90
N GLY A 141 9.75 -29.98 16.19
CA GLY A 141 8.99 -30.67 17.22
C GLY A 141 7.75 -29.92 17.66
N CYS A 142 7.74 -28.61 17.44
CA CYS A 142 6.64 -27.76 17.91
C CYS A 142 5.43 -27.84 16.98
N GLU A 143 4.27 -27.44 17.50
CA GLU A 143 3.03 -27.45 16.72
C GLU A 143 2.04 -26.44 17.31
N LEU A 144 1.38 -25.69 16.42
CA LEU A 144 0.51 -24.61 16.85
C LEU A 144 -0.88 -25.08 17.31
N THR A 145 -1.39 -24.45 18.35
CA THR A 145 -2.73 -24.72 18.85
C THR A 145 -3.76 -23.93 18.05
N PRO A 146 -5.01 -24.41 17.98
CA PRO A 146 -6.08 -23.71 17.28
C PRO A 146 -6.28 -22.27 17.75
N GLU A 147 -5.97 -21.99 19.02
CA GLU A 147 -6.12 -20.65 19.56
C GLU A 147 -5.02 -19.72 19.05
N GLN A 148 -3.82 -20.26 18.88
CA GLN A 148 -2.69 -19.50 18.36
C GLN A 148 -2.90 -19.17 16.88
N VAL A 149 -3.44 -20.12 16.14
CA VAL A 149 -3.76 -19.91 14.72
C VAL A 149 -4.83 -18.84 14.58
N LYS A 150 -5.82 -18.88 15.47
CA LYS A 150 -6.90 -17.91 15.48
C LYS A 150 -6.37 -16.51 15.79
N ALA A 151 -5.37 -16.45 16.66
CA ALA A 151 -4.71 -15.19 17.00
C ALA A 151 -4.01 -14.61 15.77
N ILE A 152 -3.47 -15.49 14.94
CA ILE A 152 -2.79 -15.09 13.71
C ILE A 152 -3.79 -14.49 12.71
N ARG A 153 -4.93 -15.14 12.56
CA ARG A 153 -5.96 -14.67 11.64
C ARG A 153 -6.46 -13.28 12.04
N ASN A 154 -6.66 -13.07 13.33
CA ASN A 154 -7.16 -11.79 13.83
C ASN A 154 -6.11 -10.69 13.72
N LEU A 155 -4.84 -11.07 13.85
CA LEU A 155 -3.75 -10.11 13.72
C LEU A 155 -3.71 -9.51 12.32
N VAL A 156 -3.71 -10.40 11.32
CA VAL A 156 -3.62 -9.98 9.92
C VAL A 156 -4.87 -9.23 9.47
N SER A 157 -6.05 -9.76 9.82
CA SER A 157 -7.31 -9.16 9.41
C SER A 157 -7.56 -7.83 10.11
N GLY A 158 -6.91 -7.64 11.25
CA GLY A 158 -7.10 -6.42 12.02
C GLY A 158 -6.44 -5.20 11.40
N SER A 159 -5.68 -5.42 10.33
CA SER A 159 -4.94 -4.35 9.67
C SER A 159 -5.84 -3.48 8.79
N VAL A 160 -6.82 -4.09 8.14
CA VAL A 160 -7.76 -3.35 7.30
C VAL A 160 -9.20 -3.78 7.55
N GLU A 161 -10.14 -2.88 7.25
CA GLU A 161 -11.55 -3.10 7.54
C GLU A 161 -12.18 -4.16 6.63
N ASN A 162 -11.74 -4.20 5.38
CA ASN A 162 -12.34 -5.10 4.40
C ASN A 162 -11.70 -6.49 4.41
N LEU A 163 -11.08 -6.86 5.53
CA LEU A 163 -10.49 -8.19 5.68
C LEU A 163 -10.94 -8.82 6.99
N LYS A 164 -11.57 -9.98 6.90
CA LYS A 164 -12.05 -10.71 8.07
C LYS A 164 -11.18 -11.92 8.35
N PRO A 165 -11.10 -12.34 9.64
CA PRO A 165 -10.30 -13.49 10.05
C PRO A 165 -10.62 -14.76 9.27
N SER A 166 -11.88 -14.95 8.91
CA SER A 166 -12.30 -16.16 8.19
C SER A 166 -11.76 -16.19 6.76
N GLN A 167 -11.28 -15.05 6.28
CA GLN A 167 -10.69 -14.98 4.95
C GLN A 167 -9.17 -15.05 5.00
N VAL A 168 -8.63 -15.27 6.20
CA VAL A 168 -7.19 -15.42 6.38
C VAL A 168 -6.85 -16.91 6.50
N VAL A 169 -6.09 -17.43 5.54
CA VAL A 169 -5.72 -18.83 5.53
C VAL A 169 -4.29 -19.03 6.01
N VAL A 170 -4.11 -19.93 6.97
CA VAL A 170 -2.79 -20.22 7.52
C VAL A 170 -2.34 -21.63 7.16
N VAL A 171 -1.21 -21.73 6.47
CA VAL A 171 -0.67 -23.03 6.07
C VAL A 171 0.77 -23.22 6.53
N ASP A 172 1.15 -24.48 6.72
CA ASP A 172 2.51 -24.82 7.13
C ASP A 172 3.32 -25.30 5.94
N ASP A 173 4.18 -24.42 5.41
CA ASP A 173 5.03 -24.78 4.28
C ASP A 173 6.43 -25.17 4.73
N PRO B 18 -20.00 17.21 -2.92
CA PRO B 18 -18.96 18.24 -2.74
C PRO B 18 -18.88 19.20 -3.93
N ASP B 19 -18.66 20.48 -3.64
CA ASP B 19 -18.55 21.48 -4.69
C ASP B 19 -17.17 21.42 -5.34
N ASP B 20 -16.25 20.73 -4.67
CA ASP B 20 -14.90 20.53 -5.20
C ASP B 20 -14.95 19.62 -6.42
N LEU B 21 -15.91 18.71 -6.44
CA LEU B 21 -16.09 17.80 -7.56
C LEU B 21 -16.45 18.56 -8.82
N ASN B 22 -17.24 19.62 -8.66
CA ASN B 22 -17.63 20.45 -9.79
C ASN B 22 -16.45 21.24 -10.35
N ALA B 23 -15.36 21.26 -9.60
CA ALA B 23 -14.14 21.94 -10.04
C ALA B 23 -13.18 20.96 -10.72
N VAL B 24 -13.50 19.67 -10.64
CA VAL B 24 -12.64 18.66 -11.26
C VAL B 24 -13.35 17.95 -12.41
N VAL B 25 -14.67 18.08 -12.47
CA VAL B 25 -15.42 17.56 -13.61
C VAL B 25 -15.39 18.59 -14.74
N THR B 26 -15.03 19.82 -14.39
CA THR B 26 -14.86 20.87 -15.38
C THR B 26 -13.41 20.90 -15.86
N GLU B 27 -12.51 20.36 -15.03
CA GLU B 27 -11.11 20.25 -15.39
C GLU B 27 -10.92 19.18 -16.46
N LEU B 28 -11.76 18.15 -16.40
CA LEU B 28 -11.70 17.06 -17.35
C LEU B 28 -12.53 17.39 -18.58
N ASP B 29 -13.56 18.22 -18.38
CA ASP B 29 -14.39 18.70 -19.48
C ASP B 29 -13.56 19.49 -20.49
N LYS B 30 -12.39 19.97 -20.06
CA LYS B 30 -11.46 20.67 -20.93
C LYS B 30 -10.41 19.74 -21.52
N GLU B 31 -9.78 18.96 -20.63
CA GLU B 31 -8.64 18.11 -20.99
C GLU B 31 -8.93 17.08 -22.09
N GLY B 32 -9.78 16.10 -21.80
CA GLY B 32 -10.03 14.99 -22.71
C GLY B 32 -11.48 14.57 -22.88
N VAL B 33 -12.35 15.11 -22.03
CA VAL B 33 -13.81 14.95 -22.13
C VAL B 33 -14.24 13.51 -21.76
N LYS B 34 -13.36 12.72 -21.14
CA LYS B 34 -13.67 11.32 -20.88
C LYS B 34 -13.66 10.99 -19.39
N TYR B 35 -14.84 10.76 -18.83
CA TYR B 35 -14.97 10.41 -17.42
C TYR B 35 -16.29 9.69 -17.14
N LYS B 36 -16.48 9.25 -15.90
CA LYS B 36 -17.70 8.55 -15.49
C LYS B 36 -18.11 8.96 -14.08
N ILE B 37 -19.29 9.58 -13.94
CA ILE B 37 -19.76 10.02 -12.64
C ILE B 37 -20.74 9.01 -12.02
N SER B 38 -20.37 8.49 -10.86
CA SER B 38 -21.21 7.55 -10.11
C SER B 38 -22.44 8.24 -9.56
N PRO B 39 -23.53 7.48 -9.33
CA PRO B 39 -24.71 8.03 -8.65
C PRO B 39 -24.37 8.63 -7.29
N ASP B 40 -23.28 8.16 -6.66
CA ASP B 40 -22.76 8.78 -5.46
C ASP B 40 -22.02 10.06 -5.83
N GLY B 41 -22.20 11.10 -5.03
CA GLY B 41 -21.72 12.43 -5.39
C GLY B 41 -20.25 12.71 -5.16
N ARG B 42 -19.51 11.74 -4.63
CA ARG B 42 -18.09 11.96 -4.34
C ARG B 42 -17.18 11.11 -5.23
N THR B 43 -17.69 9.97 -5.67
CA THR B 43 -16.88 9.04 -6.46
C THR B 43 -16.89 9.40 -7.94
N ILE B 44 -15.70 9.50 -8.53
CA ILE B 44 -15.55 9.77 -9.96
C ILE B 44 -14.63 8.73 -10.60
N TYR B 45 -15.12 8.11 -11.67
CA TYR B 45 -14.38 7.03 -12.33
C TYR B 45 -13.69 7.49 -13.61
N VAL B 46 -12.38 7.24 -13.68
CA VAL B 46 -11.55 7.66 -14.79
C VAL B 46 -10.54 6.55 -15.12
N PRO B 47 -10.34 6.26 -16.42
CA PRO B 47 -9.34 5.25 -16.83
C PRO B 47 -7.96 5.55 -16.26
N GLU B 48 -7.22 4.50 -15.91
CA GLU B 48 -5.94 4.65 -15.23
C GLU B 48 -4.89 5.36 -16.09
N ASN B 49 -4.86 5.05 -17.38
CA ASN B 49 -3.88 5.62 -18.29
C ASN B 49 -4.00 7.14 -18.40
N VAL B 50 -5.23 7.66 -18.26
CA VAL B 50 -5.46 9.09 -18.33
C VAL B 50 -5.61 9.69 -16.93
N ALA B 51 -5.71 8.83 -15.92
CA ALA B 51 -5.72 9.28 -14.54
C ALA B 51 -4.29 9.33 -14.01
N ARG B 52 -3.36 8.78 -14.81
CA ARG B 52 -1.95 8.76 -14.47
C ARG B 52 -1.37 10.17 -14.51
N GLU B 53 -1.63 10.88 -15.60
CA GLU B 53 -1.16 12.25 -15.77
C GLU B 53 -2.03 13.22 -14.98
N LEU B 54 -3.25 12.80 -14.67
CA LEU B 54 -4.24 13.65 -14.04
C LEU B 54 -3.86 14.05 -12.61
N ARG B 55 -3.67 13.06 -11.75
CA ARG B 55 -3.43 13.31 -10.33
C ARG B 55 -2.14 14.09 -10.07
N LEU B 56 -1.21 14.02 -11.02
CA LEU B 56 0.02 14.80 -10.90
C LEU B 56 -0.25 16.28 -11.08
N LYS B 57 -1.29 16.60 -11.83
CA LYS B 57 -1.64 17.99 -12.13
C LYS B 57 -2.44 18.64 -11.01
N LEU B 58 -3.59 18.07 -10.68
CA LEU B 58 -4.47 18.63 -9.66
C LEU B 58 -4.04 18.23 -8.25
N ALA B 59 -2.74 18.20 -8.02
CA ALA B 59 -2.19 17.86 -6.71
C ALA B 59 -2.24 19.07 -5.77
N ALA B 60 -1.83 20.23 -6.29
CA ALA B 60 -1.77 21.45 -5.48
C ALA B 60 -3.10 22.19 -5.50
N LYS B 61 -3.73 22.28 -4.33
CA LYS B 61 -5.00 22.99 -4.16
C LYS B 61 -6.09 22.51 -5.12
N GLY B 62 -6.08 21.22 -5.42
CA GLY B 62 -7.07 20.64 -6.31
C GLY B 62 -7.92 19.60 -5.59
N VAL B 63 -7.31 18.44 -5.33
CA VAL B 63 -8.01 17.34 -4.66
C VAL B 63 -7.09 16.54 -3.76
N PRO B 64 -7.64 15.97 -2.68
CA PRO B 64 -6.96 14.94 -1.89
C PRO B 64 -7.06 13.57 -2.57
N ARG B 65 -7.34 13.60 -3.88
CA ARG B 65 -7.50 12.42 -4.75
C ARG B 65 -8.17 11.22 -4.08
N LYS B 66 -9.23 11.49 -3.32
CA LYS B 66 -10.00 10.43 -2.68
C LYS B 66 -11.09 9.92 -3.63
N GLY B 67 -11.74 10.85 -4.33
CA GLY B 67 -12.82 10.51 -5.23
C GLY B 67 -12.36 9.89 -6.54
N ILE B 68 -11.18 10.27 -6.98
CA ILE B 68 -10.63 9.79 -8.25
C ILE B 68 -10.30 8.30 -8.17
N VAL B 69 -10.92 7.51 -9.04
CA VAL B 69 -10.69 6.08 -9.06
C VAL B 69 -10.27 5.61 -10.46
N GLY B 70 -9.07 5.07 -10.55
CA GLY B 70 -8.54 4.58 -11.81
C GLY B 70 -8.94 3.15 -12.11
N TYR B 71 -9.47 2.93 -13.31
CA TYR B 71 -9.90 1.59 -13.70
C TYR B 71 -9.23 1.10 -14.98
N GLU B 72 -9.38 -0.18 -15.26
CA GLU B 72 -8.89 -0.77 -16.50
C GLU B 72 -10.06 -1.01 -17.44
N LEU B 73 -11.22 -1.32 -16.86
CA LEU B 73 -12.44 -1.56 -17.62
C LEU B 73 -13.65 -1.01 -16.88
N PHE B 74 -14.66 -0.60 -17.61
CA PHE B 74 -15.88 -0.04 -17.02
C PHE B 74 -17.15 -0.56 -17.66
N ASP B 75 -18.15 -0.82 -16.84
CA ASP B 75 -19.51 -1.05 -17.32
C ASP B 75 -20.50 -0.59 -16.25
N LYS B 76 -21.78 -0.80 -16.50
CA LYS B 76 -22.83 -0.29 -15.62
C LYS B 76 -22.95 -1.09 -14.31
N SER B 77 -22.24 -2.20 -14.22
CA SER B 77 -22.34 -3.06 -13.04
C SER B 77 -21.09 -3.00 -12.16
N GLY B 78 -20.04 -2.35 -12.65
CA GLY B 78 -18.82 -2.22 -11.87
C GLY B 78 -17.58 -1.94 -12.71
N ILE B 79 -16.42 -1.96 -12.05
CA ILE B 79 -15.15 -1.68 -12.72
C ILE B 79 -14.07 -2.69 -12.36
N VAL B 80 -13.08 -2.81 -13.24
CA VAL B 80 -11.86 -3.54 -12.92
C VAL B 80 -10.81 -2.56 -12.41
N LEU B 81 -10.51 -2.63 -11.11
CA LEU B 81 -9.57 -1.71 -10.50
C LEU B 81 -8.16 -1.86 -11.06
N SER B 82 -7.50 -0.74 -11.32
CA SER B 82 -6.11 -0.75 -11.74
C SER B 82 -5.23 -1.17 -10.56
N ARG B 83 -4.11 -1.81 -10.86
CA ARG B 83 -3.19 -2.26 -9.83
C ARG B 83 -2.71 -1.09 -8.97
N PHE B 84 -2.54 0.06 -9.60
CA PHE B 84 -2.14 1.27 -8.91
C PHE B 84 -3.21 1.70 -7.91
N GLN B 85 -4.47 1.68 -8.35
CA GLN B 85 -5.59 2.09 -7.51
C GLN B 85 -5.76 1.16 -6.32
N GLN B 86 -5.53 -0.13 -6.53
CA GLN B 86 -5.62 -1.12 -5.47
C GLN B 86 -4.63 -0.81 -4.35
N LEU B 87 -3.40 -0.50 -4.73
CA LEU B 87 -2.36 -0.15 -3.78
C LEU B 87 -2.66 1.16 -3.07
N VAL B 88 -3.26 2.09 -3.79
CA VAL B 88 -3.68 3.37 -3.21
C VAL B 88 -4.75 3.14 -2.17
N ASN B 89 -5.74 2.32 -2.50
CA ASN B 89 -6.82 1.98 -1.59
C ASN B 89 -6.32 1.27 -0.35
N PHE B 90 -5.33 0.40 -0.53
CA PHE B 90 -4.76 -0.36 0.57
C PHE B 90 -4.08 0.55 1.58
N LYS B 91 -3.32 1.52 1.07
CA LYS B 91 -2.64 2.48 1.93
C LYS B 91 -3.63 3.29 2.74
N ARG B 92 -4.71 3.74 2.10
CA ARG B 92 -5.74 4.50 2.78
C ARG B 92 -6.51 3.64 3.78
N ALA B 93 -6.70 2.37 3.44
CA ALA B 93 -7.37 1.43 4.34
C ALA B 93 -6.54 1.20 5.60
N ILE B 94 -5.23 1.05 5.42
CA ILE B 94 -4.31 0.90 6.54
C ILE B 94 -4.37 2.13 7.45
N GLU B 95 -4.33 3.31 6.84
CA GLU B 95 -4.40 4.56 7.59
C GLU B 95 -5.77 4.77 8.21
N GLY B 96 -6.81 4.36 7.48
CA GLY B 96 -8.17 4.47 7.98
C GLY B 96 -8.41 3.61 9.19
N GLU B 97 -7.81 2.42 9.20
CA GLU B 97 -7.94 1.51 10.32
C GLU B 97 -7.20 2.04 11.55
N LEU B 98 -6.03 2.61 11.34
CA LEU B 98 -5.25 3.22 12.41
C LEU B 98 -6.01 4.41 12.99
N ALA B 99 -6.63 5.19 12.12
CA ALA B 99 -7.42 6.34 12.55
C ALA B 99 -8.65 5.89 13.35
N LYS B 100 -9.24 4.78 12.93
CA LYS B 100 -10.40 4.21 13.60
C LYS B 100 -10.04 3.79 15.03
N THR B 101 -8.85 3.24 15.19
CA THR B 101 -8.37 2.81 16.50
C THR B 101 -8.12 4.00 17.42
N ILE B 102 -7.52 5.04 16.87
CA ILE B 102 -7.26 6.27 17.63
C ILE B 102 -8.57 6.93 18.02
N MET B 103 -9.57 6.84 17.15
CA MET B 103 -10.88 7.42 17.42
C MET B 103 -11.69 6.62 18.44
N SER B 104 -11.17 5.47 18.85
CA SER B 104 -11.85 4.63 19.83
C SER B 104 -11.71 5.23 21.22
N LEU B 105 -10.78 6.17 21.37
CA LEU B 105 -10.61 6.89 22.63
C LEU B 105 -11.83 7.76 22.90
N ASP B 106 -12.46 8.21 21.83
CA ASP B 106 -13.65 9.07 21.87
C ASP B 106 -13.42 10.42 22.55
N CYS B 107 -12.27 10.56 23.21
CA CYS B 107 -11.77 11.88 23.58
C CYS B 107 -11.37 12.57 22.29
N VAL B 108 -10.92 11.76 21.34
CA VAL B 108 -10.66 12.20 19.98
C VAL B 108 -11.92 12.01 19.13
N GLU B 109 -12.57 13.11 18.77
CA GLU B 109 -13.80 13.05 17.98
C GLU B 109 -13.53 12.53 16.58
N PHE B 110 -12.43 12.97 15.98
CA PHE B 110 -12.07 12.54 14.64
C PHE B 110 -10.56 12.45 14.48
N ALA B 111 -10.10 11.48 13.71
CA ALA B 111 -8.67 11.28 13.47
C ALA B 111 -8.37 11.03 12.00
N ARG B 112 -7.27 11.60 11.53
CA ARG B 112 -6.81 11.35 10.17
C ARG B 112 -5.32 10.98 10.20
N VAL B 113 -5.00 9.81 9.68
CA VAL B 113 -3.62 9.33 9.67
C VAL B 113 -3.05 9.39 8.26
N HIS B 114 -1.82 9.91 8.14
CA HIS B 114 -1.14 9.97 6.86
C HIS B 114 0.32 9.55 6.99
N ILE B 115 0.68 8.48 6.29
CA ILE B 115 2.05 7.98 6.31
C ILE B 115 2.81 8.43 5.06
N VAL B 116 3.93 9.10 5.27
CA VAL B 116 4.75 9.57 4.16
C VAL B 116 5.82 8.54 3.80
N LEU B 117 5.76 8.05 2.57
CA LEU B 117 6.66 6.99 2.12
C LEU B 117 8.00 7.54 1.68
N PRO B 118 9.08 6.78 1.92
CA PRO B 118 10.43 7.15 1.45
C PRO B 118 10.46 7.29 -0.06
N GLU B 119 11.17 8.31 -0.55
CA GLU B 119 11.17 8.61 -1.97
C GLU B 119 12.36 8.00 -2.70
N LYS B 120 13.44 7.75 -1.97
CA LYS B 120 14.67 7.26 -2.58
C LYS B 120 15.09 5.90 -2.06
N SER B 121 15.87 5.19 -2.86
CA SER B 121 16.42 3.90 -2.49
C SER B 121 17.86 3.80 -2.95
N LEU B 122 18.80 4.05 -2.04
CA LEU B 122 20.21 4.00 -2.37
C LEU B 122 20.70 2.56 -2.53
N PHE B 123 21.72 2.37 -3.35
CA PHE B 123 22.21 1.03 -3.65
C PHE B 123 23.00 0.43 -2.49
N ILE B 124 23.28 1.24 -1.48
CA ILE B 124 24.04 0.79 -0.32
C ILE B 124 23.14 0.56 0.90
N ARG B 125 21.83 0.57 0.68
CA ARG B 125 20.88 0.45 1.78
C ARG B 125 19.53 -0.07 1.29
N GLU B 126 18.91 -0.94 2.09
CA GLU B 126 17.65 -1.57 1.72
C GLU B 126 16.50 -0.56 1.58
N GLU B 127 16.21 0.14 2.66
CA GLU B 127 15.10 1.09 2.66
C GLU B 127 15.34 2.26 3.62
N GLU B 128 14.96 3.45 3.19
CA GLU B 128 15.11 4.64 4.02
C GLU B 128 13.98 4.75 5.04
N GLU B 129 14.01 5.81 5.84
CA GLU B 129 13.04 5.98 6.91
C GLU B 129 11.81 6.76 6.44
N ALA B 130 10.65 6.35 6.96
CA ALA B 130 9.39 7.02 6.64
C ALA B 130 8.97 7.91 7.79
N LYS B 131 7.94 8.72 7.56
CA LYS B 131 7.37 9.55 8.61
C LYS B 131 5.86 9.58 8.49
N ALA B 132 5.19 10.04 9.55
CA ALA B 132 3.73 10.04 9.57
C ALA B 132 3.17 11.26 10.29
N SER B 133 1.98 11.68 9.88
CA SER B 133 1.28 12.80 10.51
C SER B 133 -0.08 12.33 11.01
N VAL B 134 -0.42 12.71 12.24
CA VAL B 134 -1.70 12.35 12.82
C VAL B 134 -2.53 13.58 13.15
N PHE B 135 -3.58 13.81 12.37
CA PHE B 135 -4.45 14.96 12.56
C PHE B 135 -5.63 14.60 13.46
N LEU B 136 -5.65 15.18 14.65
CA LEU B 136 -6.67 14.84 15.64
C LEU B 136 -7.66 15.99 15.88
N LYS B 137 -8.95 15.64 15.90
CA LYS B 137 -9.99 16.59 16.29
C LYS B 137 -10.57 16.17 17.63
N LEU B 138 -10.23 16.90 18.68
CA LEU B 138 -10.66 16.56 20.03
C LEU B 138 -11.97 17.23 20.41
N LYS B 139 -12.66 16.67 21.38
CA LYS B 139 -13.85 17.32 21.95
C LYS B 139 -13.40 18.47 22.83
N PRO B 140 -14.21 19.54 22.90
CA PRO B 140 -13.86 20.79 23.60
C PRO B 140 -13.39 20.59 25.04
N GLY B 141 -13.91 19.56 25.71
CA GLY B 141 -13.57 19.31 27.10
C GLY B 141 -12.28 18.54 27.29
N CYS B 142 -12.23 17.34 26.70
CA CYS B 142 -11.10 16.44 26.91
C CYS B 142 -9.80 16.95 26.29
N GLU B 143 -8.67 16.50 26.86
CA GLU B 143 -7.36 16.84 26.35
C GLU B 143 -6.43 15.63 26.51
N LEU B 144 -5.58 15.40 25.52
CA LEU B 144 -4.73 14.21 25.49
C LEU B 144 -3.65 14.22 26.57
N THR B 145 -3.41 13.05 27.16
CA THR B 145 -2.35 12.89 28.14
C THR B 145 -1.06 12.50 27.41
N PRO B 146 0.11 12.85 28.00
CA PRO B 146 1.41 12.50 27.41
C PRO B 146 1.57 11.00 27.13
N GLU B 147 0.97 10.16 27.97
CA GLU B 147 1.02 8.72 27.76
C GLU B 147 0.19 8.31 26.54
N GLN B 148 -0.95 8.96 26.37
CA GLN B 148 -1.83 8.68 25.24
C GLN B 148 -1.19 9.08 23.92
N VAL B 149 -0.55 10.25 23.91
CA VAL B 149 0.14 10.74 22.72
C VAL B 149 1.25 9.79 22.31
N LYS B 150 2.03 9.35 23.29
CA LYS B 150 3.11 8.40 23.05
C LYS B 150 2.56 7.07 22.52
N ALA B 151 1.41 6.66 23.05
CA ALA B 151 0.76 5.45 22.60
C ALA B 151 0.31 5.56 21.15
N ILE B 152 -0.15 6.74 20.77
CA ILE B 152 -0.58 7.00 19.40
C ILE B 152 0.60 6.88 18.43
N ARG B 153 1.75 7.42 18.83
CA ARG B 153 2.95 7.36 18.01
C ARG B 153 3.45 5.93 17.87
N ASN B 154 3.34 5.16 18.95
CA ASN B 154 3.74 3.76 18.93
C ASN B 154 2.81 2.91 18.05
N LEU B 155 1.52 3.22 18.09
CA LEU B 155 0.54 2.50 17.30
C LEU B 155 0.77 2.67 15.81
N VAL B 156 0.97 3.92 15.38
CA VAL B 156 1.19 4.23 13.97
C VAL B 156 2.53 3.70 13.49
N SER B 157 3.57 3.94 14.28
CA SER B 157 4.93 3.50 13.90
C SER B 157 5.06 1.99 13.91
N GLY B 158 4.19 1.33 14.66
CA GLY B 158 4.22 -0.13 14.76
C GLY B 158 3.73 -0.81 13.50
N SER B 159 3.24 -0.03 12.54
CA SER B 159 2.71 -0.58 11.30
C SER B 159 3.82 -1.10 10.39
N VAL B 160 4.92 -0.36 10.29
CA VAL B 160 6.05 -0.78 9.46
C VAL B 160 7.37 -0.62 10.20
N GLU B 161 8.40 -1.29 9.70
CA GLU B 161 9.71 -1.30 10.36
C GLU B 161 10.46 0.01 10.17
N ASN B 162 10.33 0.59 8.98
CA ASN B 162 11.06 1.82 8.64
C ASN B 162 10.35 3.08 9.14
N LEU B 163 9.53 2.95 10.17
CA LEU B 163 8.87 4.09 10.79
C LEU B 163 9.04 4.05 12.30
N LYS B 164 9.63 5.09 12.85
CA LYS B 164 9.90 5.17 14.28
C LYS B 164 8.89 6.09 14.95
N PRO B 165 8.62 5.86 16.25
CA PRO B 165 7.67 6.69 17.01
C PRO B 165 8.03 8.16 16.99
N SER B 166 9.33 8.47 17.04
CA SER B 166 9.79 9.85 17.04
C SER B 166 9.52 10.56 15.72
N GLN B 167 9.35 9.79 14.66
CA GLN B 167 9.09 10.35 13.34
C GLN B 167 7.59 10.48 13.07
N VAL B 168 6.78 10.28 14.10
CA VAL B 168 5.34 10.44 14.00
C VAL B 168 4.90 11.72 14.70
N VAL B 169 4.41 12.68 13.94
CA VAL B 169 3.96 13.94 14.51
C VAL B 169 2.46 13.93 14.79
N VAL B 170 2.08 14.38 15.97
CA VAL B 170 0.68 14.41 16.37
C VAL B 170 0.19 15.84 16.56
N VAL B 171 -0.75 16.26 15.72
CA VAL B 171 -1.28 17.61 15.79
C VAL B 171 -2.75 17.60 16.20
N ASP B 172 -3.24 18.77 16.62
CA ASP B 172 -4.64 18.89 17.03
C ASP B 172 -5.35 19.94 16.18
N ASP B 173 -6.11 19.48 15.20
CA ASP B 173 -6.86 20.37 14.33
C ASP B 173 -7.94 21.14 15.08
#